data_5HWV
#
_entry.id   5HWV
#
_cell.length_a   41.359
_cell.length_b   47.755
_cell.length_c   126.701
_cell.angle_alpha   90.00
_cell.angle_beta   90.00
_cell.angle_gamma   90.00
#
_symmetry.space_group_name_H-M   'P 21 21 21'
#
loop_
_entity.id
_entity.type
_entity.pdbx_description
1 polymer 'Sensor histidine kinase TodS'
2 non-polymer TOLUENE
3 water water
#
_entity_poly.entity_id   1
_entity_poly.type   'polypeptide(L)'
_entity_poly.pdbx_seq_one_letter_code
;GA(MSE)ALYEFVGLLDAHGNVLEVNQVALEGGGIT(MSE)EEIRGKPFWKARWWQISKKTEATQKRLVETASSGEFVRC
DVEILGKSGGREVIAVDFSLLPICNEEGSIVYLLAEGRNITDKKKAEA(MSE)LALKNQELE
;
_entity_poly.pdbx_strand_id   A,B
#
# COMPACT_ATOMS: atom_id res chain seq x y z
N ALA A 4 11.18 12.78 0.84
CA ALA A 4 10.12 13.35 -0.08
C ALA A 4 8.98 12.35 -0.29
N LEU A 5 7.81 12.82 -0.67
CA LEU A 5 6.66 11.85 -0.94
C LEU A 5 6.85 11.22 -2.32
N TYR A 6 6.53 9.93 -2.43
CA TYR A 6 6.70 9.24 -3.68
C TYR A 6 5.84 9.80 -4.80
N GLU A 7 6.24 9.43 -5.99
CA GLU A 7 5.44 9.62 -7.19
C GLU A 7 4.82 8.27 -7.62
N PHE A 8 5.61 7.20 -7.64
CA PHE A 8 5.14 5.84 -7.93
C PHE A 8 5.14 5.07 -6.62
N VAL A 9 4.09 4.31 -6.35
CA VAL A 9 4.11 3.42 -5.18
C VAL A 9 3.42 2.10 -5.45
N GLY A 10 3.94 1.07 -4.81
CA GLY A 10 3.45 -0.30 -4.97
C GLY A 10 3.53 -1.00 -3.63
N LEU A 11 2.52 -1.82 -3.42
CA LEU A 11 2.53 -2.78 -2.33
C LEU A 11 2.81 -4.19 -2.82
N LEU A 12 3.83 -4.84 -2.25
CA LEU A 12 4.20 -6.21 -2.60
C LEU A 12 3.97 -7.11 -1.44
N ASP A 13 3.73 -8.38 -1.70
CA ASP A 13 3.80 -9.30 -0.61
C ASP A 13 5.23 -9.62 -0.13
N ALA A 14 5.34 -10.51 0.89
CA ALA A 14 6.65 -10.80 1.54
C ALA A 14 7.69 -11.33 0.56
N HIS A 15 7.20 -11.94 -0.53
CA HIS A 15 8.02 -12.56 -1.62
C HIS A 15 8.23 -11.68 -2.82
N GLY A 16 7.64 -10.48 -2.78
CA GLY A 16 7.82 -9.51 -3.88
C GLY A 16 6.73 -9.65 -4.96
N ASN A 17 5.63 -10.39 -4.73
CA ASN A 17 4.59 -10.44 -5.78
C ASN A 17 3.72 -9.22 -5.65
N VAL A 18 3.28 -8.69 -6.78
CA VAL A 18 2.57 -7.41 -6.78
C VAL A 18 1.17 -7.51 -6.20
N LEU A 19 0.80 -6.68 -5.23
CA LEU A 19 -0.58 -6.60 -4.74
C LEU A 19 -1.34 -5.32 -5.20
N GLU A 20 -0.72 -4.12 -5.14
CA GLU A 20 -1.40 -2.86 -5.54
C GLU A 20 -0.31 -1.91 -6.10
N VAL A 21 -0.68 -1.09 -7.11
CA VAL A 21 0.23 -0.12 -7.67
C VAL A 21 -0.62 1.12 -8.01
N ASN A 22 -0.09 2.33 -7.80
CA ASN A 22 -0.88 3.49 -8.11
C ASN A 22 -0.98 3.73 -9.60
N GLN A 23 -1.98 4.53 -9.97
CA GLN A 23 -2.29 4.74 -11.36
C GLN A 23 -1.12 5.45 -12.09
N VAL A 24 -0.40 6.34 -11.40
CA VAL A 24 0.65 7.12 -12.04
C VAL A 24 1.69 6.11 -12.57
N ALA A 25 2.00 5.08 -11.77
CA ALA A 25 3.06 4.11 -12.18
C ALA A 25 2.53 3.23 -13.30
N LEU A 26 1.26 2.78 -13.19
CA LEU A 26 0.71 1.94 -14.25
C LEU A 26 0.63 2.66 -15.61
N GLU A 27 0.19 3.92 -15.61
CA GLU A 27 0.05 4.66 -16.84
C GLU A 27 1.42 4.95 -17.43
N GLY A 28 2.37 5.33 -16.57
CA GLY A 28 3.75 5.63 -17.03
C GLY A 28 4.40 4.42 -17.69
N GLY A 29 4.17 3.24 -17.12
CA GLY A 29 4.83 2.00 -17.58
C GLY A 29 4.00 1.34 -18.71
N GLY A 30 2.77 1.80 -18.93
CA GLY A 30 1.86 1.14 -19.91
C GLY A 30 1.45 -0.29 -19.48
N ILE A 31 1.08 -0.42 -18.20
CA ILE A 31 0.95 -1.72 -17.55
C ILE A 31 -0.44 -1.76 -16.97
N THR A 32 -1.06 -2.93 -16.97
CA THR A 32 -2.38 -3.10 -16.42
C THR A 32 -2.22 -3.89 -15.11
N GLU A 34 -3.98 -6.23 -14.04
CA GLU A 34 -4.09 -7.71 -14.33
C GLU A 34 -2.84 -8.37 -14.86
N GLU A 35 -2.02 -7.63 -15.61
CA GLU A 35 -0.77 -8.20 -16.16
C GLU A 35 0.24 -8.51 -15.05
N ILE A 36 0.11 -7.84 -13.90
CA ILE A 36 1.18 -7.92 -12.87
C ILE A 36 0.75 -8.43 -11.52
N ARG A 37 -0.54 -8.35 -11.21
CA ARG A 37 -1.01 -8.77 -9.90
C ARG A 37 -0.68 -10.22 -9.58
N GLY A 38 -0.11 -10.40 -8.38
CA GLY A 38 0.22 -11.77 -7.95
C GLY A 38 1.48 -12.34 -8.58
N LYS A 39 2.18 -11.55 -9.44
CA LYS A 39 3.42 -12.00 -10.04
C LYS A 39 4.58 -11.15 -9.57
N PRO A 40 5.82 -11.67 -9.66
CA PRO A 40 6.94 -10.95 -9.05
C PRO A 40 7.11 -9.56 -9.62
N PHE A 41 7.43 -8.62 -8.71
CA PHE A 41 7.58 -7.22 -9.17
C PHE A 41 8.66 -7.06 -10.25
N TRP A 42 9.76 -7.87 -10.20
CA TRP A 42 10.83 -7.72 -11.18
C TRP A 42 10.49 -8.15 -12.58
N LYS A 43 9.37 -8.88 -12.71
CA LYS A 43 8.86 -9.28 -14.01
C LYS A 43 8.07 -8.20 -14.68
N ALA A 44 7.61 -7.22 -13.89
CA ALA A 44 6.85 -6.11 -14.53
C ALA A 44 7.69 -5.26 -15.49
N ARG A 45 7.03 -4.62 -16.45
CA ARG A 45 7.69 -3.95 -17.55
C ARG A 45 8.64 -2.83 -17.13
N TRP A 46 8.37 -2.15 -16.03
CA TRP A 46 9.33 -1.10 -15.60
C TRP A 46 10.79 -1.58 -15.55
N TRP A 47 10.96 -2.84 -15.18
CA TRP A 47 12.28 -3.39 -14.90
C TRP A 47 12.92 -4.12 -16.06
N GLN A 48 12.28 -4.08 -17.22
CA GLN A 48 12.62 -4.94 -18.36
C GLN A 48 13.48 -4.27 -19.44
N ILE A 49 14.20 -3.21 -19.10
CA ILE A 49 15.19 -2.58 -20.05
C ILE A 49 16.12 -3.75 -20.58
N SER A 50 16.66 -4.58 -19.69
CA SER A 50 17.46 -5.77 -20.08
C SER A 50 17.35 -6.88 -19.07
N LYS A 51 17.94 -8.03 -19.38
CA LYS A 51 18.14 -9.05 -18.39
C LYS A 51 18.85 -8.55 -17.15
N LYS A 52 19.82 -7.66 -17.29
CA LYS A 52 20.58 -7.11 -16.20
C LYS A 52 19.75 -6.26 -15.29
N THR A 53 18.87 -5.44 -15.86
CA THR A 53 18.00 -4.62 -15.01
C THR A 53 17.02 -5.45 -14.24
N GLU A 54 16.47 -6.45 -14.92
CA GLU A 54 15.57 -7.39 -14.22
C GLU A 54 16.31 -8.11 -13.07
N ALA A 55 17.55 -8.58 -13.32
CA ALA A 55 18.28 -9.26 -12.30
C ALA A 55 18.56 -8.35 -11.11
N THR A 56 18.81 -7.06 -11.39
CA THR A 56 19.04 -6.09 -10.32
C THR A 56 17.77 -5.96 -9.49
N GLN A 57 16.60 -5.75 -10.16
CA GLN A 57 15.40 -5.61 -9.35
C GLN A 57 15.09 -6.87 -8.50
N LYS A 58 15.30 -8.07 -9.07
CA LYS A 58 15.11 -9.32 -8.37
C LYS A 58 15.95 -9.33 -7.07
N ARG A 59 17.23 -8.95 -7.18
CA ARG A 59 18.11 -8.94 -6.01
C ARG A 59 17.67 -7.88 -5.01
N LEU A 60 17.22 -6.71 -5.47
CA LEU A 60 16.72 -5.70 -4.52
C LEU A 60 15.47 -6.20 -3.75
N VAL A 61 14.53 -6.81 -4.49
CA VAL A 61 13.36 -7.39 -3.85
C VAL A 61 13.77 -8.43 -2.79
N GLU A 62 14.68 -9.33 -3.18
CA GLU A 62 15.08 -10.34 -2.27
C GLU A 62 15.77 -9.76 -1.04
N THR A 63 16.59 -8.71 -1.21
CA THR A 63 17.16 -7.97 -0.06
C THR A 63 16.08 -7.40 0.86
N ALA A 64 15.07 -6.73 0.31
CA ALA A 64 14.04 -6.17 1.19
C ALA A 64 13.26 -7.30 1.89
N SER A 65 13.04 -8.44 1.21
CA SER A 65 12.36 -9.59 1.76
C SER A 65 13.03 -10.11 2.99
N SER A 66 14.30 -9.83 3.16
CA SER A 66 15.05 -10.22 4.39
C SER A 66 15.04 -9.17 5.46
N GLY A 67 14.36 -8.03 5.23
CA GLY A 67 14.30 -6.96 6.26
C GLY A 67 15.25 -5.81 6.06
N GLU A 68 16.02 -5.80 4.97
CA GLU A 68 17.04 -4.77 4.75
C GLU A 68 16.37 -3.69 3.87
N PHE A 69 16.50 -2.45 4.26
CA PHE A 69 15.92 -1.37 3.51
C PHE A 69 16.83 -1.09 2.27
N VAL A 70 16.22 -0.65 1.19
CA VAL A 70 16.90 -0.47 -0.14
C VAL A 70 16.61 0.92 -0.57
N ARG A 71 17.64 1.60 -1.01
CA ARG A 71 17.45 2.85 -1.77
C ARG A 71 18.55 2.93 -2.78
N CYS A 72 18.17 3.22 -4.00
CA CYS A 72 19.18 3.50 -5.00
C CYS A 72 18.61 4.13 -6.22
N ASP A 73 19.49 4.70 -7.03
CA ASP A 73 19.04 5.28 -8.33
C ASP A 73 18.92 4.15 -9.34
N VAL A 74 17.88 4.22 -10.16
CA VAL A 74 17.74 3.17 -11.20
C VAL A 74 17.09 3.78 -12.42
N GLU A 75 17.12 3.11 -13.58
CA GLU A 75 16.29 3.57 -14.69
C GLU A 75 15.17 2.62 -14.88
N ILE A 76 14.01 3.14 -15.33
CA ILE A 76 12.88 2.31 -15.61
C ILE A 76 12.17 2.72 -16.90
N LEU A 77 11.43 1.77 -17.50
CA LEU A 77 10.52 2.05 -18.64
C LEU A 77 9.26 2.60 -17.97
N GLY A 78 9.26 3.90 -17.76
CA GLY A 78 8.25 4.50 -16.95
C GLY A 78 7.60 5.73 -17.42
N LYS A 79 7.85 6.10 -18.66
CA LYS A 79 7.11 7.24 -19.21
C LYS A 79 6.52 6.85 -20.60
N SER A 80 5.45 7.54 -21.00
CA SER A 80 4.89 7.38 -22.36
C SER A 80 4.50 5.95 -22.59
N GLY A 81 3.83 5.39 -21.62
CA GLY A 81 3.23 4.04 -21.78
C GLY A 81 4.27 2.97 -21.99
N GLY A 82 5.44 3.14 -21.36
CA GLY A 82 6.52 2.19 -21.40
C GLY A 82 7.48 2.37 -22.58
N ARG A 83 7.30 3.44 -23.32
CA ARG A 83 8.19 3.75 -24.44
C ARG A 83 9.48 4.45 -24.06
N GLU A 84 9.48 5.20 -22.93
CA GLU A 84 10.56 6.06 -22.55
C GLU A 84 11.09 5.69 -21.20
N VAL A 85 12.44 5.75 -21.13
CA VAL A 85 13.19 5.55 -19.85
C VAL A 85 13.27 6.86 -19.07
N ILE A 86 13.00 6.74 -17.78
CA ILE A 86 13.26 7.76 -16.78
C ILE A 86 14.16 7.19 -15.69
N ALA A 87 14.91 8.13 -15.11
CA ALA A 87 15.72 7.89 -13.93
C ALA A 87 14.82 8.05 -12.71
N VAL A 88 14.95 7.13 -11.76
CA VAL A 88 14.11 7.09 -10.55
C VAL A 88 14.97 6.86 -9.29
N ASP A 89 14.64 7.63 -8.26
CA ASP A 89 15.14 7.45 -6.91
C ASP A 89 14.19 6.37 -6.32
N PHE A 90 14.71 5.14 -6.17
CA PHE A 90 13.87 3.99 -5.84
C PHE A 90 14.13 3.49 -4.41
N SER A 91 13.09 3.08 -3.71
CA SER A 91 13.30 2.54 -2.41
C SER A 91 12.32 1.36 -2.17
N LEU A 92 12.74 0.48 -1.33
CA LEU A 92 11.90 -0.61 -0.85
C LEU A 92 11.93 -0.61 0.67
N LEU A 93 10.74 -0.58 1.28
CA LEU A 93 10.61 -0.60 2.73
C LEU A 93 10.04 -1.95 3.16
N PRO A 94 10.79 -2.72 3.95
CA PRO A 94 10.18 -3.95 4.46
C PRO A 94 9.18 -3.60 5.53
N ILE A 95 8.03 -4.25 5.52
CA ILE A 95 6.99 -4.00 6.50
C ILE A 95 6.81 -5.28 7.35
N CYS A 96 7.09 -5.19 8.64
N CYS A 96 7.06 -5.14 8.65
CA CYS A 96 6.95 -6.30 9.57
CA CYS A 96 6.94 -6.18 9.65
C CYS A 96 5.68 -6.21 10.39
C CYS A 96 5.61 -6.19 10.37
N ASN A 97 5.20 -7.38 10.80
CA ASN A 97 4.13 -7.46 11.78
C ASN A 97 4.76 -7.33 13.23
N GLU A 98 3.91 -7.44 14.27
CA GLU A 98 4.40 -7.19 15.63
C GLU A 98 5.41 -8.27 16.04
N GLU A 99 5.28 -9.44 15.46
CA GLU A 99 6.15 -10.60 15.73
C GLU A 99 7.51 -10.34 15.09
N GLY A 100 7.57 -9.42 14.09
CA GLY A 100 8.81 -9.08 13.47
C GLY A 100 8.95 -9.66 12.07
N SER A 101 8.00 -10.53 11.65
CA SER A 101 8.13 -11.19 10.33
C SER A 101 7.81 -10.20 9.27
N ILE A 102 8.49 -10.27 8.13
CA ILE A 102 8.12 -9.40 6.99
C ILE A 102 6.84 -9.93 6.35
N VAL A 103 5.86 -9.03 6.28
CA VAL A 103 4.57 -9.37 5.67
C VAL A 103 4.30 -8.66 4.35
N TYR A 104 4.89 -7.44 4.18
CA TYR A 104 4.74 -6.77 2.87
C TYR A 104 5.99 -5.97 2.55
N LEU A 105 6.09 -5.47 1.34
CA LEU A 105 7.15 -4.55 0.96
C LEU A 105 6.48 -3.36 0.33
N LEU A 106 6.96 -2.17 0.66
CA LEU A 106 6.45 -0.95 -0.02
C LEU A 106 7.52 -0.43 -1.00
N ALA A 107 7.19 -0.40 -2.29
CA ALA A 107 8.08 0.10 -3.32
C ALA A 107 7.74 1.54 -3.62
N GLU A 108 8.73 2.43 -3.66
CA GLU A 108 8.41 3.83 -3.89
C GLU A 108 9.40 4.36 -4.91
N GLY A 109 8.96 5.33 -5.69
CA GLY A 109 9.96 6.00 -6.58
C GLY A 109 9.57 7.41 -6.92
N ARG A 110 10.59 8.21 -7.23
CA ARG A 110 10.38 9.61 -7.64
C ARG A 110 11.21 9.78 -8.89
N ASN A 111 10.66 10.41 -9.92
CA ASN A 111 11.39 10.62 -11.18
C ASN A 111 12.41 11.69 -10.89
N ILE A 112 13.69 11.37 -11.21
CA ILE A 112 14.82 12.32 -11.07
C ILE A 112 15.49 12.65 -12.41
N THR A 113 14.75 12.48 -13.49
CA THR A 113 15.31 12.75 -14.80
C THR A 113 15.67 14.23 -14.93
N ASP A 114 14.74 15.08 -14.51
CA ASP A 114 14.97 16.52 -14.67
C ASP A 114 16.04 17.02 -13.66
N LYS A 115 16.12 16.42 -12.46
CA LYS A 115 17.21 16.72 -11.47
C LYS A 115 18.59 16.43 -12.12
N LYS A 116 18.72 15.26 -12.75
CA LYS A 116 20.03 14.92 -13.35
C LYS A 116 20.35 15.83 -14.53
N LYS A 117 19.34 16.25 -15.29
CA LYS A 117 19.62 17.18 -16.39
C LYS A 117 20.03 18.59 -15.83
N ALA A 118 19.37 19.02 -14.76
CA ALA A 118 19.76 20.28 -14.11
C ALA A 118 21.16 20.25 -13.50
N GLU A 119 21.55 19.10 -12.92
CA GLU A 119 22.91 18.94 -12.43
C GLU A 119 23.93 18.99 -13.59
N ALA A 120 23.59 18.36 -14.75
CA ALA A 120 24.47 18.40 -15.95
C ALA A 120 24.64 19.84 -16.44
N LEU A 122 24.29 22.58 -14.56
CA LEU A 122 25.12 23.31 -13.56
C LEU A 122 26.63 23.03 -13.72
N ALA A 123 26.96 21.78 -14.05
CA ALA A 123 28.34 21.40 -14.27
C ALA A 123 28.93 22.17 -15.48
N LEU A 124 28.16 22.33 -16.55
CA LEU A 124 28.61 23.12 -17.70
C LEU A 124 28.73 24.60 -17.31
N LYS A 125 27.77 25.11 -16.52
CA LYS A 125 27.77 26.55 -16.18
C LYS A 125 28.97 26.91 -15.36
N ASN A 126 29.28 26.04 -14.41
CA ASN A 126 30.41 26.19 -13.51
C ASN A 126 31.74 26.30 -14.29
N GLN A 127 31.78 25.67 -15.47
CA GLN A 127 32.90 25.92 -16.40
C GLN A 127 32.59 27.16 -17.26
N LEU B 5 -5.95 -12.75 3.74
CA LEU B 5 -5.71 -11.76 2.63
C LEU B 5 -6.77 -10.66 2.74
N TYR B 6 -6.35 -9.39 2.60
CA TYR B 6 -7.31 -8.35 2.81
C TYR B 6 -8.37 -8.31 1.71
N GLU B 7 -9.48 -7.63 2.01
CA GLU B 7 -10.53 -7.22 1.06
C GLU B 7 -10.33 -5.72 0.72
N PHE B 8 -10.20 -4.91 1.77
CA PHE B 8 -9.98 -3.49 1.62
C PHE B 8 -8.54 -3.17 2.05
N VAL B 9 -7.86 -2.30 1.33
CA VAL B 9 -6.56 -1.89 1.75
C VAL B 9 -6.35 -0.38 1.41
N GLY B 10 -5.59 0.30 2.28
CA GLY B 10 -5.36 1.77 2.05
C GLY B 10 -4.00 2.11 2.59
N LEU B 11 -3.38 3.11 2.00
CA LEU B 11 -2.10 3.66 2.49
C LEU B 11 -2.39 5.07 3.05
N LEU B 12 -1.98 5.28 4.31
CA LEU B 12 -2.11 6.61 4.97
C LEU B 12 -0.73 7.16 5.26
N ASP B 13 -0.63 8.47 5.38
CA ASP B 13 0.61 9.04 5.96
C ASP B 13 0.61 8.80 7.47
N ALA B 14 1.69 9.19 8.12
CA ALA B 14 1.84 9.03 9.54
C ALA B 14 0.78 9.77 10.37
N HIS B 15 0.11 10.77 9.81
CA HIS B 15 -0.92 11.52 10.56
C HIS B 15 -2.32 11.02 10.22
N GLY B 16 -2.38 9.95 9.38
CA GLY B 16 -3.67 9.43 8.89
C GLY B 16 -4.29 10.04 7.65
N ASN B 17 -3.60 10.92 6.97
CA ASN B 17 -4.14 11.44 5.70
C ASN B 17 -4.13 10.34 4.65
N VAL B 18 -5.17 10.32 3.85
CA VAL B 18 -5.31 9.23 2.87
C VAL B 18 -4.41 9.48 1.63
N LEU B 19 -3.62 8.46 1.30
CA LEU B 19 -2.75 8.49 0.11
C LEU B 19 -3.28 7.59 -1.01
N GLU B 20 -3.62 6.30 -0.67
CA GLU B 20 -4.12 5.40 -1.71
C GLU B 20 -5.17 4.52 -1.06
N VAL B 21 -6.15 4.07 -1.87
CA VAL B 21 -7.15 3.11 -1.35
C VAL B 21 -7.53 2.23 -2.51
N ASN B 22 -7.71 0.93 -2.26
CA ASN B 22 -8.05 0.06 -3.41
C ASN B 22 -9.50 0.28 -3.90
N GLN B 23 -9.74 -0.08 -5.15
CA GLN B 23 -11.04 0.10 -5.73
C GLN B 23 -12.16 -0.65 -5.04
N VAL B 24 -11.91 -1.85 -4.52
CA VAL B 24 -12.94 -2.60 -3.79
C VAL B 24 -13.46 -1.76 -2.60
N ALA B 25 -12.57 -1.06 -1.90
CA ALA B 25 -13.01 -0.28 -0.73
C ALA B 25 -13.81 0.96 -1.16
N LEU B 26 -13.35 1.62 -2.24
CA LEU B 26 -14.01 2.83 -2.76
C LEU B 26 -15.39 2.46 -3.26
N GLU B 27 -15.49 1.39 -4.05
CA GLU B 27 -16.81 0.98 -4.61
C GLU B 27 -17.79 0.57 -3.51
N GLY B 28 -17.28 -0.15 -2.52
CA GLY B 28 -18.05 -0.59 -1.35
C GLY B 28 -18.66 0.58 -0.59
N GLY B 29 -17.91 1.70 -0.47
CA GLY B 29 -18.42 2.84 0.25
C GLY B 29 -19.16 3.85 -0.58
N GLY B 30 -19.11 3.66 -1.88
CA GLY B 30 -19.62 4.71 -2.81
C GLY B 30 -18.84 6.01 -2.73
N ILE B 31 -17.53 5.89 -2.51
CA ILE B 31 -16.62 7.02 -2.19
C ILE B 31 -15.61 7.19 -3.36
N THR B 32 -15.24 8.43 -3.69
CA THR B 32 -14.18 8.66 -4.72
C THR B 32 -12.89 9.08 -4.05
N GLU B 34 -11.09 11.49 -5.02
CA GLU B 34 -11.14 12.91 -4.98
C GLU B 34 -11.77 13.41 -3.67
N GLU B 35 -12.71 12.68 -3.10
CA GLU B 35 -13.36 13.15 -1.86
C GLU B 35 -12.51 12.95 -0.62
N ILE B 36 -11.59 11.98 -0.65
CA ILE B 36 -10.91 11.61 0.58
C ILE B 36 -9.37 11.80 0.52
N ARG B 37 -8.81 11.96 -0.67
CA ARG B 37 -7.31 12.07 -0.76
C ARG B 37 -6.82 13.28 0.02
N GLY B 38 -5.80 13.04 0.86
CA GLY B 38 -5.15 14.12 1.59
C GLY B 38 -5.90 14.67 2.75
N LYS B 39 -6.92 13.92 3.18
CA LYS B 39 -7.75 14.33 4.32
C LYS B 39 -7.76 13.14 5.28
N PRO B 40 -8.06 13.40 6.58
CA PRO B 40 -7.87 12.31 7.55
C PRO B 40 -8.72 11.10 7.21
N PHE B 41 -8.16 9.90 7.42
CA PHE B 41 -8.92 8.71 7.14
C PHE B 41 -10.24 8.62 7.91
N TRP B 42 -10.23 9.08 9.15
CA TRP B 42 -11.44 9.00 9.99
C TRP B 42 -12.59 9.86 9.51
N LYS B 43 -12.29 10.84 8.69
CA LYS B 43 -13.33 11.70 8.11
C LYS B 43 -14.04 11.04 6.90
N ALA B 44 -13.43 10.01 6.33
CA ALA B 44 -14.07 9.35 5.17
C ALA B 44 -15.34 8.59 5.57
N ARG B 45 -16.23 8.46 4.59
CA ARG B 45 -17.62 8.06 4.91
C ARG B 45 -17.72 6.68 5.51
N TRP B 46 -16.74 5.75 5.26
CA TRP B 46 -16.87 4.44 5.83
C TRP B 46 -17.04 4.55 7.37
N TRP B 47 -16.38 5.58 7.94
CA TRP B 47 -16.33 5.69 9.42
C TRP B 47 -17.42 6.52 10.07
N GLN B 48 -18.40 6.92 9.28
CA GLN B 48 -19.31 7.99 9.70
C GLN B 48 -20.62 7.49 10.27
N ILE B 49 -20.74 6.22 10.70
CA ILE B 49 -21.98 5.80 11.40
C ILE B 49 -22.38 6.78 12.54
N SER B 50 -21.42 7.20 13.34
CA SER B 50 -21.69 8.08 14.46
C SER B 50 -20.42 8.88 14.85
N LYS B 51 -20.58 9.83 15.78
CA LYS B 51 -19.40 10.50 16.32
C LYS B 51 -18.52 9.48 17.02
N LYS B 52 -19.12 8.45 17.61
CA LYS B 52 -18.32 7.40 18.29
C LYS B 52 -17.49 6.59 17.33
N THR B 53 -18.09 6.12 16.21
CA THR B 53 -17.29 5.31 15.27
C THR B 53 -16.14 6.20 14.65
N GLU B 54 -16.43 7.46 14.35
CA GLU B 54 -15.37 8.34 13.83
C GLU B 54 -14.25 8.56 14.86
N ALA B 55 -14.66 8.71 16.13
CA ALA B 55 -13.67 8.88 17.21
C ALA B 55 -12.80 7.60 17.39
N THR B 56 -13.43 6.45 17.28
CA THR B 56 -12.69 5.18 17.39
C THR B 56 -11.64 5.14 16.28
N GLN B 57 -12.05 5.42 15.02
CA GLN B 57 -11.05 5.40 13.93
C GLN B 57 -9.94 6.41 14.17
N LYS B 58 -10.29 7.61 14.63
CA LYS B 58 -9.24 8.61 14.90
C LYS B 58 -8.22 8.03 15.96
N ARG B 59 -8.73 7.36 16.99
CA ARG B 59 -7.87 6.80 18.03
C ARG B 59 -7.05 5.65 17.46
N LEU B 60 -7.64 4.86 16.57
CA LEU B 60 -6.90 3.68 15.98
C LEU B 60 -5.72 4.23 15.11
N VAL B 61 -6.00 5.29 14.32
CA VAL B 61 -4.91 5.95 13.57
C VAL B 61 -3.83 6.54 14.49
N GLU B 62 -4.25 7.29 15.53
CA GLU B 62 -3.24 7.98 16.41
C GLU B 62 -2.39 6.97 17.16
N THR B 63 -3.02 5.93 17.63
CA THR B 63 -2.25 4.89 18.37
C THR B 63 -1.33 4.11 17.42
N ALA B 64 -1.81 3.82 16.19
CA ALA B 64 -0.91 3.15 15.20
C ALA B 64 0.31 4.02 14.84
N SER B 65 0.09 5.33 14.72
CA SER B 65 1.10 6.27 14.40
C SER B 65 2.17 6.33 15.50
N SER B 66 1.76 5.99 16.73
CA SER B 66 2.68 5.92 17.89
C SER B 66 3.38 4.57 17.97
N GLY B 67 3.06 3.67 17.04
CA GLY B 67 3.79 2.38 16.85
C GLY B 67 3.02 1.18 17.32
N GLU B 68 1.76 1.35 17.71
CA GLU B 68 0.96 0.16 18.14
C GLU B 68 0.43 -0.61 16.90
N PHE B 69 0.36 -1.94 17.01
CA PHE B 69 -0.25 -2.76 15.98
C PHE B 69 -1.67 -2.96 16.41
N VAL B 70 -2.58 -2.22 15.76
CA VAL B 70 -3.96 -2.21 16.30
C VAL B 70 -4.88 -3.03 15.39
N ARG B 71 -5.94 -3.57 16.00
CA ARG B 71 -6.87 -4.40 15.26
C ARG B 71 -8.16 -4.45 16.02
N CYS B 72 -9.29 -4.33 15.33
CA CYS B 72 -10.56 -4.57 16.02
C CYS B 72 -11.64 -4.71 14.98
N ASP B 73 -12.73 -5.28 15.47
CA ASP B 73 -13.89 -5.43 14.66
C ASP B 73 -14.65 -4.12 14.67
N VAL B 74 -15.08 -3.70 13.48
CA VAL B 74 -15.76 -2.38 13.31
C VAL B 74 -16.94 -2.57 12.41
N GLU B 75 -17.90 -1.65 12.43
CA GLU B 75 -18.98 -1.62 11.43
C GLU B 75 -18.71 -0.43 10.58
N ILE B 76 -18.85 -0.62 9.28
CA ILE B 76 -18.54 0.50 8.37
C ILE B 76 -19.63 0.64 7.31
N LEU B 77 -19.73 1.84 6.74
CA LEU B 77 -20.60 2.05 5.60
C LEU B 77 -19.85 1.62 4.34
N GLY B 78 -19.88 0.33 4.10
CA GLY B 78 -18.95 -0.28 3.19
C GLY B 78 -19.54 -1.31 2.22
N LYS B 79 -20.87 -1.38 2.12
CA LYS B 79 -21.54 -2.25 1.17
C LYS B 79 -22.59 -1.47 0.37
N SER B 80 -22.88 -1.91 -0.87
CA SER B 80 -23.94 -1.32 -1.69
C SER B 80 -23.72 0.18 -1.86
N GLY B 81 -22.52 0.53 -2.32
CA GLY B 81 -22.14 1.92 -2.54
C GLY B 81 -22.42 2.87 -1.37
N GLY B 82 -22.16 2.34 -0.19
CA GLY B 82 -22.24 3.06 1.04
C GLY B 82 -23.59 3.03 1.69
N ARG B 83 -24.55 2.31 1.08
CA ARG B 83 -25.92 2.36 1.65
C ARG B 83 -26.07 1.41 2.79
N GLU B 84 -25.21 0.41 2.83
CA GLU B 84 -25.39 -0.60 3.89
C GLU B 84 -24.11 -0.83 4.77
N VAL B 85 -24.38 -1.29 5.98
CA VAL B 85 -23.34 -1.53 6.97
C VAL B 85 -22.82 -2.95 6.78
N ILE B 86 -21.50 -3.05 6.88
CA ILE B 86 -20.89 -4.37 7.04
C ILE B 86 -19.94 -4.34 8.20
N ALA B 87 -19.71 -5.53 8.74
CA ALA B 87 -18.73 -5.68 9.80
C ALA B 87 -17.42 -6.12 9.20
N VAL B 88 -16.34 -5.47 9.65
CA VAL B 88 -15.00 -5.71 9.14
C VAL B 88 -13.96 -5.94 10.23
N ASP B 89 -13.05 -6.86 9.98
CA ASP B 89 -11.89 -7.04 10.87
C ASP B 89 -10.87 -6.10 10.34
N PHE B 90 -10.70 -5.02 11.11
CA PHE B 90 -9.83 -3.90 10.68
C PHE B 90 -8.48 -3.87 11.38
N SER B 91 -7.40 -3.55 10.64
CA SER B 91 -6.10 -3.36 11.26
C SER B 91 -5.33 -2.19 10.64
N LEU B 92 -4.41 -1.65 11.45
CA LEU B 92 -3.42 -0.70 10.94
C LEU B 92 -2.06 -1.16 11.24
N LEU B 93 -1.17 -1.12 10.25
CA LEU B 93 0.24 -1.62 10.44
C LEU B 93 1.07 -0.33 10.31
N PRO B 94 1.83 0.01 11.35
CA PRO B 94 2.79 1.14 11.14
C PRO B 94 3.90 0.72 10.18
N ILE B 95 4.27 1.60 9.24
CA ILE B 95 5.34 1.38 8.31
C ILE B 95 6.45 2.36 8.65
N CYS B 96 7.59 1.81 9.04
CA CYS B 96 8.80 2.62 9.44
C CYS B 96 9.74 2.77 8.30
N ASN B 97 10.49 3.86 8.31
CA ASN B 97 11.59 4.03 7.36
C ASN B 97 12.89 3.44 7.91
N GLU B 98 13.99 3.67 7.20
CA GLU B 98 15.26 3.03 7.57
C GLU B 98 15.81 3.58 8.87
N GLU B 99 15.21 4.63 9.40
CA GLU B 99 15.67 5.20 10.73
C GLU B 99 14.82 4.72 11.88
N GLY B 100 13.72 4.04 11.58
CA GLY B 100 12.76 3.59 12.57
C GLY B 100 11.61 4.54 12.80
N SER B 101 11.51 5.59 11.98
CA SER B 101 10.36 6.61 12.08
C SER B 101 9.17 6.11 11.28
N ILE B 102 7.98 6.20 11.90
CA ILE B 102 6.79 5.79 11.19
C ILE B 102 6.49 6.85 10.13
N VAL B 103 6.39 6.42 8.89
CA VAL B 103 6.17 7.33 7.77
C VAL B 103 4.83 7.07 7.07
N TYR B 104 4.32 5.82 7.20
CA TYR B 104 3.01 5.46 6.59
C TYR B 104 2.30 4.53 7.51
N LEU B 105 1.00 4.38 7.30
CA LEU B 105 0.23 3.33 7.98
C LEU B 105 -0.51 2.56 6.91
N LEU B 106 -0.54 1.24 7.09
CA LEU B 106 -1.25 0.37 6.12
C LEU B 106 -2.57 -0.08 6.74
N ALA B 107 -3.66 0.32 6.09
CA ALA B 107 -4.99 0.02 6.66
C ALA B 107 -5.50 -1.17 5.90
N GLU B 108 -5.96 -2.18 6.64
CA GLU B 108 -6.52 -3.37 6.02
C GLU B 108 -7.87 -3.76 6.61
N GLY B 109 -8.77 -4.21 5.72
CA GLY B 109 -10.08 -4.73 6.17
C GLY B 109 -10.33 -6.09 5.63
N ARG B 110 -10.75 -7.00 6.51
CA ARG B 110 -11.13 -8.36 6.16
C ARG B 110 -12.57 -8.65 6.57
N ASN B 111 -13.24 -9.62 5.91
CA ASN B 111 -14.62 -9.93 6.24
C ASN B 111 -14.75 -10.65 7.53
N ILE B 112 -15.89 -10.47 8.22
CA ILE B 112 -16.11 -11.19 9.48
C ILE B 112 -17.17 -12.23 9.20
N THR B 113 -16.99 -13.41 9.80
CA THR B 113 -18.06 -14.46 9.78
C THR B 113 -19.29 -14.08 10.59
N ASP B 114 -20.46 -14.03 9.92
CA ASP B 114 -21.79 -13.83 10.57
C ASP B 114 -21.88 -14.64 11.85
N LYS B 115 -22.53 -14.09 12.88
CA LYS B 115 -22.70 -14.75 14.18
C LYS B 115 -23.51 -16.02 13.99
N LYS B 116 -24.55 -15.94 13.15
CA LYS B 116 -25.47 -17.08 12.96
C LYS B 116 -24.74 -18.19 12.17
N LYS B 117 -23.79 -17.81 11.31
CA LYS B 117 -23.06 -18.76 10.56
C LYS B 117 -22.16 -19.56 11.47
N ALA B 118 -21.52 -18.86 12.42
CA ALA B 118 -20.61 -19.52 13.33
C ALA B 118 -21.37 -20.48 14.26
N GLU B 119 -22.54 -20.04 14.73
CA GLU B 119 -23.43 -20.88 15.51
C GLU B 119 -23.84 -22.13 14.72
N ALA B 120 -24.15 -21.92 13.42
CA ALA B 120 -24.56 -23.07 12.56
C ALA B 120 -23.41 -24.04 12.36
N LEU B 122 -20.96 -24.68 14.51
CA LEU B 122 -20.75 -25.52 15.70
C LEU B 122 -21.87 -26.53 15.89
N ALA B 123 -23.12 -26.09 15.58
CA ALA B 123 -24.28 -27.01 15.70
C ALA B 123 -24.14 -28.20 14.80
N LEU B 124 -23.64 -27.93 13.57
CA LEU B 124 -23.43 -28.95 12.57
C LEU B 124 -22.34 -29.92 13.02
N LYS B 125 -21.18 -29.39 13.43
CA LYS B 125 -20.08 -30.27 14.00
C LYS B 125 -20.50 -31.16 15.18
N ASN B 126 -21.18 -30.56 16.18
CA ASN B 126 -21.71 -31.37 17.29
C ASN B 126 -22.66 -32.46 16.79
N GLN B 127 -23.44 -32.12 15.77
CA GLN B 127 -24.45 -33.05 15.28
C GLN B 127 -23.77 -34.17 14.48
N GLU B 128 -22.69 -33.84 13.74
CA GLU B 128 -22.01 -34.84 12.83
C GLU B 128 -21.21 -35.91 13.56
N LEU B 129 -20.73 -35.57 14.76
CA LEU B 129 -19.74 -36.41 15.51
C LEU B 129 -20.02 -37.94 15.56
#